data_4HGW
#
_entry.id   4HGW
#
_cell.length_a   45.710
_cell.length_b   81.300
_cell.length_c   131.420
_cell.angle_alpha   90.000
_cell.angle_beta   90.000
_cell.angle_gamma   90.000
#
_symmetry.space_group_name_H-M   'P 21 21 21'
#
loop_
_entity.id
_entity.type
_entity.pdbx_description
1 polymer 'Antibody Fab fragment, light chain'
2 polymer 'Antibody Fab fragment, heavy chain'
3 branched '3-deoxy-alpha-D-manno-oct-2-ulopyranosonic acid-(2-4)-prop-2-en-1-yl 3,5-dideoxy-alpha-D-threo-oct-5-en-2-ulopyranosidonic acid'
4 non-polymer 'ZINC ION'
5 water water
#
loop_
_entity_poly.entity_id
_entity_poly.type
_entity_poly.pdbx_seq_one_letter_code
_entity_poly.pdbx_strand_id
1 'polypeptide(L)'
;DIVMSQSPSSLAVSAGEKVTMSCKSSQSLLNSRTRKNYLAWYQQKPGQSPKLLIYWASTRESGVPDRFTGSGSGTDFTLT
ITSVQAEDLAVYYCKQSYNLRTFGGGTKLEIKRADAAPTVSIFPPSSEQLTSGGASVVCFLNNFYPKDINVKWKIDGSER
QNGVLNSWTDQDSKDSTYSMSSTLTLTKDEYERHNSYTCEATHKTSTSPIVKSFNRNEC
;
A
2 'polypeptide(L)'
;EVKLVESGGGLVQSGGSLRLSCATSGFTFTDYYMSWVRQPPGKALEWLGFIRNKANGYTTEYSPSVKGRFTISRDNSQSI
LYLQMNTLRAEDSATYYCARDHDGYYERFSYWGQGTLVTVSAAKTTPPSVYPLAPGSAAQTNSMVTLGCLVKGYFPEPVT
VTWNSGSLSSGVHTFPAVLQSDLYTLSSSVTVPSSTWPSETVTCNVAHPASSTKVDKKIVPR
;
B
#
loop_
_chem_comp.id
_chem_comp.type
_chem_comp.name
_chem_comp.formula
KDO D-saccharide, alpha linking '3-deoxy-alpha-D-manno-oct-2-ulopyranosonic acid' 'C8 H14 O8'
KTU D-saccharide 'prop-2-en-1-yl 3,5-dideoxy-alpha-D-threo-oct-5-en-2-ulopyranosidonic acid' 'C11 H16 O7'
ZN non-polymer 'ZINC ION' 'Zn 2'
#
# COMPACT_ATOMS: atom_id res chain seq x y z
N ASP A 1 -18.67 1.09 25.01
CA ASP A 1 -18.05 0.30 23.88
C ASP A 1 -16.57 0.23 24.20
N ILE A 2 -15.74 -0.46 23.40
CA ILE A 2 -14.30 -0.38 23.70
C ILE A 2 -13.52 0.46 22.73
N VAL A 3 -13.10 1.61 23.21
CA VAL A 3 -12.36 2.59 22.41
C VAL A 3 -10.88 2.30 22.55
N MET A 4 -10.17 2.21 21.42
CA MET A 4 -8.74 1.95 21.42
C MET A 4 -8.05 3.17 20.86
N SER A 5 -7.03 3.66 21.56
CA SER A 5 -6.31 4.84 21.11
C SER A 5 -4.81 4.57 21.15
N GLN A 6 -4.07 5.10 20.17
CA GLN A 6 -2.64 4.89 20.11
C GLN A 6 -1.91 6.22 20.08
N SER A 7 -0.68 6.19 20.57
CA SER A 7 0.20 7.36 20.54
C SER A 7 1.63 6.87 20.37
N PRO A 8 2.44 7.62 19.62
CA PRO A 8 2.05 8.82 18.87
C PRO A 8 1.35 8.44 17.60
N SER A 9 0.88 9.42 16.84
CA SER A 9 0.34 9.15 15.52
C SER A 9 1.46 8.74 14.58
N SER A 10 2.59 9.43 14.70
CA SER A 10 3.76 9.10 13.90
C SER A 10 5.01 9.59 14.61
N LEU A 11 6.15 9.01 14.22
CA LEU A 11 7.45 9.41 14.73
C LEU A 11 8.54 8.81 13.81
N ALA A 12 9.73 9.37 13.89
CA ALA A 12 10.85 8.85 13.13
C ALA A 12 12.00 8.55 14.07
N VAL A 13 12.70 7.47 13.79
CA VAL A 13 13.79 7.05 14.65
C VAL A 13 14.96 6.55 13.80
N SER A 14 16.19 6.83 14.23
CA SER A 14 17.36 6.35 13.47
C SER A 14 17.63 4.88 13.76
N ALA A 15 18.19 4.18 12.77
CA ALA A 15 18.55 2.78 12.95
C ALA A 15 19.45 2.62 14.16
N GLY A 16 19.20 1.58 14.96
CA GLY A 16 19.98 1.32 16.16
C GLY A 16 19.37 1.88 17.42
N GLU A 17 18.37 2.75 17.28
CA GLU A 17 17.79 3.40 18.44
C GLU A 17 16.54 2.67 18.90
N LYS A 18 16.01 3.10 20.02
CA LYS A 18 14.86 2.45 20.64
C LYS A 18 13.58 3.19 20.25
N VAL A 19 12.50 2.44 20.06
CA VAL A 19 11.20 2.99 19.71
C VAL A 19 10.22 2.57 20.79
N THR A 20 9.41 3.52 21.25
CA THR A 20 8.37 3.23 22.22
C THR A 20 7.04 3.76 21.72
N MET A 21 6.02 2.90 21.66
CA MET A 21 4.70 3.38 21.32
C MET A 21 3.63 2.79 22.23
N SER A 22 2.52 3.50 22.34
CA SER A 22 1.55 3.28 23.39
C SER A 22 0.17 2.97 22.83
N CYS A 23 -0.60 2.21 23.61
CA CYS A 23 -1.95 1.81 23.24
C CYS A 23 -2.83 1.79 24.49
N LYS A 24 -3.93 2.51 24.44
CA LYS A 24 -4.85 2.59 25.56
C LYS A 24 -6.22 2.05 25.21
N SER A 25 -6.83 1.32 26.16
CA SER A 25 -8.20 0.87 26.01
C SER A 25 -9.08 1.63 26.98
N SER A 26 -10.34 1.86 26.61
CA SER A 26 -11.28 2.59 27.46
C SER A 26 -11.75 1.70 28.60
N GLN A 27 -11.39 0.43 28.53
CA GLN A 27 -11.84 -0.55 29.48
C GLN A 27 -10.74 -1.60 29.66
N SER A 28 -10.61 -2.17 30.85
CA SER A 28 -9.56 -3.17 31.12
C SER A 28 -9.73 -4.36 30.19
N LEU A 29 -8.61 -4.87 29.64
CA LEU A 29 -8.63 -6.03 28.76
C LEU A 29 -8.16 -7.27 29.47
N LEU A 30 -8.09 -7.20 30.79
CA LEU A 30 -7.65 -8.32 31.60
C LEU A 30 -8.83 -9.26 31.92
N ASN A 31 -8.81 -10.45 31.33
CA ASN A 31 -9.83 -11.46 31.56
C ASN A 31 -9.55 -12.16 32.89
N SER A 32 -10.58 -12.23 33.73
CA SER A 32 -10.46 -12.70 35.12
C SER A 32 -10.13 -14.17 35.19
N ARG A 33 -10.74 -14.90 34.27
CA ARG A 33 -10.66 -16.37 34.25
C ARG A 33 -9.31 -16.87 33.76
N THR A 34 -8.84 -16.33 32.63
CA THR A 34 -7.60 -16.77 32.02
C THR A 34 -6.40 -15.96 32.51
N ARG A 35 -6.68 -14.81 33.13
CA ARG A 35 -5.66 -13.94 33.68
C ARG A 35 -4.72 -13.41 32.61
N LYS A 36 -5.23 -13.30 31.39
CA LYS A 36 -4.46 -12.73 30.29
C LYS A 36 -5.14 -11.45 29.81
N ASN A 37 -4.32 -10.53 29.28
CA ASN A 37 -4.82 -9.32 28.63
C ASN A 37 -5.04 -9.61 27.15
N TYR A 38 -6.26 -9.37 26.66
CA TYR A 38 -6.60 -9.70 25.29
C TYR A 38 -6.24 -8.54 24.37
N LEU A 39 -4.94 -8.35 24.18
CA LEU A 39 -4.42 -7.20 23.46
C LEU A 39 -3.30 -7.70 22.56
N ALA A 40 -3.43 -7.45 21.25
CA ALA A 40 -2.45 -7.91 20.28
C ALA A 40 -1.89 -6.73 19.50
N TRP A 41 -0.69 -6.90 18.96
CA TRP A 41 -0.02 -5.92 18.12
C TRP A 41 0.24 -6.49 16.74
N TYR A 42 -0.04 -5.68 15.72
CA TYR A 42 0.17 -6.05 14.33
C TYR A 42 1.05 -5.01 13.66
N GLN A 43 1.87 -5.48 12.73
CA GLN A 43 2.76 -4.65 11.96
C GLN A 43 2.30 -4.64 10.51
N GLN A 44 2.14 -3.45 9.93
CA GLN A 44 1.73 -3.39 8.53
C GLN A 44 2.74 -2.57 7.73
N LYS A 45 3.59 -3.27 6.98
CA LYS A 45 4.58 -2.61 6.15
C LYS A 45 3.91 -2.06 4.90
N PRO A 46 4.55 -1.10 4.23
CA PRO A 46 3.92 -0.48 3.05
C PRO A 46 3.56 -1.49 1.96
N GLY A 47 2.31 -1.45 1.50
CA GLY A 47 1.84 -2.35 0.45
C GLY A 47 1.56 -3.77 0.89
N GLN A 48 1.63 -4.04 2.19
CA GLN A 48 1.44 -5.39 2.71
C GLN A 48 0.23 -5.51 3.61
N SER A 49 -0.17 -6.76 3.88
CA SER A 49 -1.21 -7.02 4.87
C SER A 49 -0.60 -6.91 6.25
N PRO A 50 -1.44 -6.66 7.26
CA PRO A 50 -0.92 -6.67 8.63
C PRO A 50 -0.34 -8.04 9.00
N LYS A 51 0.67 -8.05 9.87
CA LYS A 51 1.28 -9.29 10.35
C LYS A 51 1.24 -9.29 11.88
N LEU A 52 0.90 -10.42 12.45
CA LEU A 52 0.90 -10.55 13.91
C LEU A 52 2.33 -10.47 14.48
N LEU A 53 2.54 -9.63 15.48
CA LEU A 53 3.81 -9.58 16.22
C LEU A 53 3.70 -10.14 17.62
N ILE A 54 2.74 -9.60 18.38
CA ILE A 54 2.59 -9.86 19.80
C ILE A 54 1.11 -10.15 20.12
N TYR A 55 0.85 -11.07 21.04
CA TYR A 55 -0.52 -11.24 21.52
C TYR A 55 -0.51 -11.55 23.03
N TRP A 56 -1.68 -11.57 23.65
CA TRP A 56 -1.77 -11.66 25.10
C TRP A 56 -0.89 -10.59 25.76
N ALA A 57 -0.78 -9.45 25.08
CA ALA A 57 0.00 -8.29 25.55
C ALA A 57 1.53 -8.46 25.47
N SER A 58 2.06 -9.61 25.87
CA SER A 58 3.52 -9.78 25.97
C SER A 58 4.07 -11.03 25.26
N THR A 59 3.20 -11.86 24.69
CA THR A 59 3.67 -13.07 24.01
C THR A 59 4.11 -12.78 22.58
N ARG A 60 5.39 -12.98 22.29
CA ARG A 60 5.94 -12.70 20.98
C ARG A 60 5.73 -13.90 20.07
N GLU A 61 5.07 -13.69 18.93
CA GLU A 61 4.77 -14.80 18.03
C GLU A 61 6.05 -15.40 17.44
N SER A 62 6.04 -16.70 17.14
CA SER A 62 7.24 -17.33 16.55
C SER A 62 7.63 -16.70 15.22
N GLY A 63 8.92 -16.44 15.05
CA GLY A 63 9.40 -15.87 13.81
C GLY A 63 9.61 -14.37 13.93
N VAL A 64 9.03 -13.78 14.97
CA VAL A 64 9.14 -12.33 15.21
C VAL A 64 10.45 -12.03 15.91
N PRO A 65 11.22 -11.05 15.41
CA PRO A 65 12.50 -10.78 16.09
C PRO A 65 12.38 -10.38 17.56
N ASP A 66 13.38 -10.79 18.35
CA ASP A 66 13.43 -10.55 19.79
C ASP A 66 13.44 -9.05 20.12
N ARG A 67 13.69 -8.22 19.13
CA ARG A 67 13.79 -6.79 19.40
C ARG A 67 12.41 -6.15 19.65
N PHE A 68 11.36 -6.88 19.30
CA PHE A 68 9.98 -6.46 19.55
C PHE A 68 9.49 -7.03 20.88
N THR A 69 9.07 -6.14 21.77
CA THR A 69 8.58 -6.56 23.08
C THR A 69 7.28 -5.86 23.43
N GLY A 70 6.25 -6.64 23.75
CA GLY A 70 5.01 -6.08 24.24
C GLY A 70 4.95 -6.10 25.75
N SER A 71 4.39 -5.05 26.34
CA SER A 71 4.28 -4.95 27.80
C SER A 71 3.01 -4.20 28.18
N GLY A 72 2.70 -4.15 29.48
CA GLY A 72 1.54 -3.43 29.96
C GLY A 72 0.43 -4.35 30.44
N SER A 73 -0.65 -3.75 30.94
CA SER A 73 -1.73 -4.51 31.52
C SER A 73 -2.97 -3.63 31.66
N GLY A 74 -4.15 -4.24 31.68
CA GLY A 74 -5.37 -3.52 31.99
C GLY A 74 -5.81 -2.60 30.87
N THR A 75 -5.56 -1.30 31.05
CA THR A 75 -5.96 -0.29 30.08
C THR A 75 -4.80 0.29 29.27
N ASP A 76 -3.57 -0.06 29.61
CA ASP A 76 -2.41 0.59 28.99
C ASP A 76 -1.33 -0.39 28.58
N PHE A 77 -0.92 -0.28 27.32
CA PHE A 77 -0.01 -1.24 26.71
C PHE A 77 1.06 -0.52 25.91
N THR A 78 2.21 -1.16 25.76
CA THR A 78 3.38 -0.58 25.12
C THR A 78 4.04 -1.59 24.19
N LEU A 79 4.43 -1.14 23.01
CA LEU A 79 5.26 -1.95 22.15
C LEU A 79 6.59 -1.24 22.09
N THR A 80 7.65 -1.95 22.39
CA THR A 80 8.98 -1.38 22.39
C THR A 80 9.80 -2.09 21.34
N ILE A 81 10.51 -1.34 20.51
CA ILE A 81 11.44 -1.94 19.58
C ILE A 81 12.83 -1.46 19.94
N THR A 82 13.71 -2.38 20.33
CA THR A 82 15.10 -2.04 20.57
C THR A 82 15.90 -2.17 19.26
N SER A 83 16.98 -1.41 19.16
CA SER A 83 17.87 -1.51 18.01
C SER A 83 17.10 -1.57 16.68
N VAL A 84 16.25 -0.57 16.45
CA VAL A 84 15.38 -0.55 15.28
C VAL A 84 16.18 -0.69 13.99
N GLN A 85 15.62 -1.43 13.04
CA GLN A 85 16.26 -1.63 11.74
C GLN A 85 15.44 -0.96 10.66
N ALA A 86 16.07 -0.72 9.51
CA ALA A 86 15.41 -0.06 8.40
C ALA A 86 14.11 -0.76 8.00
N GLU A 87 14.08 -2.09 8.09
CA GLU A 87 12.92 -2.86 7.64
C GLU A 87 11.74 -2.72 8.58
N ASP A 88 11.93 -2.07 9.73
CA ASP A 88 10.88 -1.95 10.72
C ASP A 88 9.89 -0.82 10.40
N LEU A 89 10.19 -0.07 9.34
CA LEU A 89 9.27 0.94 8.82
C LEU A 89 7.89 0.30 8.61
N ALA A 90 6.85 0.85 9.24
CA ALA A 90 5.52 0.25 9.21
C ALA A 90 4.54 1.08 10.01
N VAL A 91 3.27 0.76 9.85
CA VAL A 91 2.25 1.23 10.78
C VAL A 91 1.96 0.08 11.73
N TYR A 92 1.94 0.39 13.02
CA TYR A 92 1.74 -0.61 14.07
C TYR A 92 0.38 -0.39 14.68
N TYR A 93 -0.43 -1.46 14.75
CA TYR A 93 -1.77 -1.38 15.31
C TYR A 93 -1.90 -2.29 16.54
N CYS A 94 -2.56 -1.80 17.57
CA CYS A 94 -2.98 -2.67 18.66
C CYS A 94 -4.45 -3.02 18.43
N LYS A 95 -4.90 -4.10 19.05
CA LYS A 95 -6.23 -4.61 18.81
C LYS A 95 -6.69 -5.36 20.06
N GLN A 96 -7.83 -4.99 20.60
CA GLN A 96 -8.41 -5.72 21.72
C GLN A 96 -9.30 -6.84 21.20
N SER A 97 -9.36 -7.96 21.92
CA SER A 97 -10.28 -9.05 21.59
C SER A 97 -11.05 -9.48 22.84
N TYR A 98 -11.19 -8.56 23.79
CA TYR A 98 -11.93 -8.84 25.02
C TYR A 98 -13.44 -8.90 24.76
N ASN A 99 -13.93 -7.99 23.93
CA ASN A 99 -15.33 -7.95 23.56
C ASN A 99 -15.40 -7.70 22.06
N LEU A 100 -15.69 -8.76 21.30
CA LEU A 100 -15.51 -8.74 19.85
C LEU A 100 -14.08 -8.24 19.59
N ARG A 101 -13.86 -7.43 18.56
CA ARG A 101 -12.50 -6.90 18.32
C ARG A 101 -12.59 -5.44 17.88
N THR A 102 -11.57 -4.67 18.23
CA THR A 102 -11.46 -3.26 17.88
C THR A 102 -9.98 -2.93 17.73
N PHE A 103 -9.63 -2.27 16.63
CA PHE A 103 -8.28 -1.80 16.38
C PHE A 103 -8.11 -0.37 16.86
N GLY A 104 -6.91 -0.04 17.33
CA GLY A 104 -6.51 1.36 17.50
C GLY A 104 -6.23 1.99 16.15
N GLY A 105 -5.92 3.28 16.13
CA GLY A 105 -5.78 4.01 14.89
C GLY A 105 -4.40 3.93 14.26
N GLY A 106 -3.49 3.27 14.95
CA GLY A 106 -2.17 3.01 14.42
C GLY A 106 -1.13 4.04 14.78
N THR A 107 0.13 3.60 14.81
CA THR A 107 1.29 4.47 14.92
C THR A 107 2.17 4.25 13.70
N LYS A 108 2.43 5.30 12.94
CA LYS A 108 3.31 5.20 11.78
C LYS A 108 4.76 5.44 12.19
N LEU A 109 5.62 4.46 11.95
CA LEU A 109 7.03 4.56 12.29
C LEU A 109 7.84 4.80 11.03
N GLU A 110 8.55 5.93 10.99
CA GLU A 110 9.44 6.25 9.90
C GLU A 110 10.87 6.09 10.41
N ILE A 111 11.81 5.96 9.49
CA ILE A 111 13.22 5.79 9.85
C ILE A 111 13.99 7.05 9.49
N LYS A 112 14.71 7.60 10.45
CA LYS A 112 15.57 8.74 10.18
C LYS A 112 16.92 8.22 9.67
N ARG A 113 17.50 8.92 8.69
CA ARG A 113 18.81 8.60 8.17
C ARG A 113 19.54 9.88 7.75
N ALA A 114 20.76 9.73 7.24
CA ALA A 114 21.56 10.85 6.79
C ALA A 114 20.92 11.44 5.54
N ASP A 115 21.01 12.77 5.38
CA ASP A 115 20.52 13.41 4.16
C ASP A 115 21.15 12.77 2.93
N ALA A 116 20.36 12.65 1.87
CA ALA A 116 20.81 12.02 0.63
C ALA A 116 20.20 12.79 -0.54
N ALA A 117 21.04 13.12 -1.51
CA ALA A 117 20.59 13.89 -2.67
C ALA A 117 19.87 12.96 -3.66
N PRO A 118 18.89 13.50 -4.37
CA PRO A 118 18.12 12.71 -5.34
C PRO A 118 18.90 12.49 -6.62
N THR A 119 18.63 11.38 -7.28
CA THR A 119 19.12 11.13 -8.62
C THR A 119 17.94 11.44 -9.54
N VAL A 120 18.12 12.38 -10.45
CA VAL A 120 17.01 12.88 -11.25
C VAL A 120 17.14 12.39 -12.68
N SER A 121 16.03 11.93 -13.24
CA SER A 121 16.02 11.48 -14.63
C SER A 121 14.76 12.00 -15.31
N ILE A 122 14.89 12.49 -16.55
CA ILE A 122 13.76 13.02 -17.29
C ILE A 122 13.48 12.20 -18.55
N PHE A 123 12.19 12.08 -18.89
CA PHE A 123 11.72 11.23 -19.99
C PHE A 123 10.76 11.98 -20.89
N PRO A 124 11.07 12.02 -22.19
CA PRO A 124 10.14 12.65 -23.13
C PRO A 124 8.89 11.78 -23.33
N PRO A 125 7.84 12.39 -23.89
CA PRO A 125 6.64 11.64 -24.29
C PRO A 125 6.99 10.55 -25.30
N SER A 126 6.30 9.43 -25.20
CA SER A 126 6.47 8.37 -26.17
C SER A 126 5.67 8.64 -27.45
N SER A 127 6.11 8.06 -28.57
CA SER A 127 5.37 8.23 -29.82
C SER A 127 3.98 7.60 -29.72
N GLU A 128 3.84 6.54 -28.91
CA GLU A 128 2.54 5.89 -28.74
C GLU A 128 1.54 6.75 -27.96
N GLN A 129 2.01 7.71 -27.18
CA GLN A 129 1.10 8.65 -26.54
C GLN A 129 0.81 9.82 -27.49
N LEU A 130 1.85 10.29 -28.15
CA LEU A 130 1.72 11.49 -28.98
C LEU A 130 0.71 11.23 -30.08
N THR A 131 0.66 9.99 -30.55
CA THR A 131 -0.24 9.67 -31.64
C THR A 131 -1.71 9.87 -31.26
N SER A 132 -2.02 9.79 -29.98
CA SER A 132 -3.40 9.97 -29.51
C SER A 132 -3.68 11.40 -29.07
N GLY A 133 -2.68 12.28 -29.19
CA GLY A 133 -2.91 13.70 -28.95
C GLY A 133 -2.41 14.25 -27.63
N GLY A 134 -1.73 13.42 -26.84
CA GLY A 134 -1.27 13.85 -25.53
C GLY A 134 0.23 13.79 -25.43
N ALA A 135 0.82 14.51 -24.47
CA ALA A 135 2.26 14.53 -24.29
C ALA A 135 2.60 14.64 -22.82
N SER A 136 2.97 13.53 -22.19
CA SER A 136 3.39 13.57 -20.80
C SER A 136 4.91 13.52 -20.69
N VAL A 137 5.47 14.44 -19.90
CA VAL A 137 6.89 14.44 -19.58
C VAL A 137 7.06 14.00 -18.13
N VAL A 138 7.98 13.08 -17.88
CA VAL A 138 8.12 12.48 -16.57
C VAL A 138 9.50 12.74 -16.01
N CYS A 139 9.53 13.11 -14.74
CA CYS A 139 10.79 13.20 -14.08
C CYS A 139 10.73 12.36 -12.80
N PHE A 140 11.72 11.50 -12.63
CA PHE A 140 11.90 10.67 -11.44
C PHE A 140 12.98 11.33 -10.58
N LEU A 141 12.68 11.50 -9.31
CA LEU A 141 13.67 11.99 -8.34
C LEU A 141 13.83 10.86 -7.35
N ASN A 142 14.92 10.12 -7.45
CA ASN A 142 15.03 8.85 -6.74
C ASN A 142 16.03 8.83 -5.60
N ASN A 143 15.64 8.16 -4.52
CA ASN A 143 16.49 7.84 -3.38
C ASN A 143 17.13 9.03 -2.67
N PHE A 144 16.26 9.89 -2.14
CA PHE A 144 16.70 11.04 -1.39
C PHE A 144 16.15 11.03 0.03
N TYR A 145 16.73 11.88 0.87
CA TYR A 145 16.27 12.06 2.22
C TYR A 145 16.75 13.42 2.72
N PRO A 146 15.89 14.17 3.41
CA PRO A 146 14.51 13.87 3.83
C PRO A 146 13.47 14.01 2.70
N LYS A 147 12.20 13.83 3.06
CA LYS A 147 11.10 13.71 2.11
C LYS A 147 10.79 15.02 1.39
N ASP A 148 11.00 16.16 2.03
CA ASP A 148 10.65 17.43 1.42
C ASP A 148 11.53 17.75 0.22
N ILE A 149 10.88 18.12 -0.87
CA ILE A 149 11.60 18.41 -2.09
C ILE A 149 10.71 19.27 -2.98
N ASN A 150 11.34 20.11 -3.80
CA ASN A 150 10.63 20.98 -4.69
C ASN A 150 10.97 20.64 -6.12
N VAL A 151 9.95 20.52 -6.96
CA VAL A 151 10.16 20.33 -8.39
C VAL A 151 9.54 21.47 -9.17
N LYS A 152 10.32 22.09 -10.05
CA LYS A 152 9.80 23.07 -10.97
C LYS A 152 9.95 22.58 -12.40
N TRP A 153 8.92 22.81 -13.19
CA TRP A 153 8.99 22.55 -14.63
C TRP A 153 9.20 23.86 -15.37
N LYS A 154 10.12 23.86 -16.32
CA LYS A 154 10.34 25.02 -17.16
C LYS A 154 10.21 24.59 -18.61
N ILE A 155 9.57 25.42 -19.43
CA ILE A 155 9.39 25.13 -20.84
C ILE A 155 9.95 26.33 -21.58
N ASP A 156 10.92 26.10 -22.46
CA ASP A 156 11.63 27.19 -23.12
C ASP A 156 12.13 28.22 -22.09
N GLY A 157 12.53 27.71 -20.93
CA GLY A 157 13.17 28.56 -19.94
C GLY A 157 12.21 29.18 -18.94
N SER A 158 10.91 29.04 -19.20
CA SER A 158 9.88 29.67 -18.38
C SER A 158 9.13 28.68 -17.51
N GLU A 159 8.97 29.04 -16.24
CA GLU A 159 8.32 28.20 -15.27
C GLU A 159 6.86 28.01 -15.61
N ARG A 160 6.38 26.77 -15.51
CA ARG A 160 4.97 26.47 -15.62
C ARG A 160 4.50 25.77 -14.35
N GLY A 163 -0.89 21.37 -14.97
CA GLY A 163 -0.96 20.02 -15.51
C GLY A 163 0.09 19.10 -14.92
N VAL A 164 0.31 19.18 -13.60
CA VAL A 164 1.40 18.45 -12.95
C VAL A 164 0.90 17.44 -11.90
N LEU A 165 1.43 16.22 -11.99
CA LEU A 165 1.03 15.10 -11.14
C LEU A 165 2.26 14.65 -10.35
N ASN A 166 2.26 14.84 -9.01
CA ASN A 166 3.37 14.46 -8.17
C ASN A 166 2.97 13.30 -7.27
N SER A 167 3.89 12.36 -7.08
CA SER A 167 3.64 11.22 -6.22
C SER A 167 4.93 10.76 -5.54
N TRP A 168 4.87 10.61 -4.21
CA TRP A 168 6.00 10.11 -3.42
C TRP A 168 5.78 8.65 -3.09
N THR A 169 6.86 7.87 -3.12
CA THR A 169 6.81 6.52 -2.62
C THR A 169 6.78 6.54 -1.10
N ASP A 170 6.39 5.43 -0.50
CA ASP A 170 6.65 5.23 0.91
C ASP A 170 8.16 5.09 1.06
N GLN A 171 8.63 5.29 2.28
CA GLN A 171 10.05 5.16 2.56
C GLN A 171 10.55 3.77 2.18
N ASP A 172 11.76 3.68 1.66
CA ASP A 172 12.33 2.38 1.28
C ASP A 172 12.74 1.56 2.50
N SER A 173 12.43 0.26 2.49
CA SER A 173 12.70 -0.59 3.63
C SER A 173 14.16 -0.99 3.76
N LYS A 174 14.97 -0.70 2.75
CA LYS A 174 16.34 -1.12 2.77
C LYS A 174 17.28 0.05 3.06
N ASP A 175 17.11 1.16 2.33
CA ASP A 175 18.00 2.32 2.49
C ASP A 175 17.33 3.55 3.13
N SER A 176 16.05 3.43 3.48
CA SER A 176 15.31 4.46 4.20
C SER A 176 15.21 5.78 3.44
N THR A 177 15.34 5.74 2.11
CA THR A 177 15.13 6.95 1.30
C THR A 177 13.71 7.04 0.77
N TYR A 178 13.42 8.18 0.16
CA TYR A 178 12.18 8.41 -0.55
C TYR A 178 12.49 8.56 -2.03
N SER A 179 11.45 8.49 -2.84
CA SER A 179 11.54 8.76 -4.26
C SER A 179 10.25 9.47 -4.63
N MET A 180 10.27 10.28 -5.68
CA MET A 180 9.06 10.95 -6.12
C MET A 180 9.05 10.98 -7.64
N SER A 181 7.85 10.99 -8.20
CA SER A 181 7.65 11.11 -9.63
C SER A 181 6.87 12.39 -9.89
N SER A 182 7.28 13.15 -10.90
CA SER A 182 6.54 14.34 -11.30
C SER A 182 6.22 14.21 -12.77
N THR A 183 4.93 14.34 -13.10
CA THR A 183 4.48 14.19 -14.49
C THR A 183 3.77 15.43 -14.97
N LEU A 184 4.31 16.03 -16.03
CA LEU A 184 3.71 17.19 -16.67
C LEU A 184 3.00 16.72 -17.93
N THR A 185 1.72 17.02 -18.03
CA THR A 185 0.96 16.57 -19.19
C THR A 185 0.41 17.75 -19.98
N LEU A 186 0.75 17.76 -21.26
CA LEU A 186 0.35 18.79 -22.22
C LEU A 186 -0.43 18.14 -23.34
N THR A 187 -1.14 18.95 -24.12
CA THR A 187 -1.64 18.48 -25.41
C THR A 187 -0.50 18.42 -26.40
N LYS A 188 -0.63 17.58 -27.42
CA LYS A 188 0.40 17.49 -28.44
C LYS A 188 0.56 18.84 -29.11
N ASP A 189 -0.55 19.52 -29.37
CA ASP A 189 -0.49 20.81 -30.04
C ASP A 189 0.37 21.80 -29.27
N GLU A 190 0.22 21.83 -27.95
CA GLU A 190 0.98 22.77 -27.14
C GLU A 190 2.42 22.29 -26.98
N TYR A 191 2.60 20.97 -26.85
CA TYR A 191 3.92 20.39 -26.75
C TYR A 191 4.78 20.77 -27.95
N GLU A 192 4.18 20.79 -29.14
CA GLU A 192 4.91 21.07 -30.37
C GLU A 192 5.22 22.55 -30.58
N ARG A 193 4.79 23.41 -29.67
CA ARG A 193 5.10 24.83 -29.76
C ARG A 193 6.37 25.25 -29.06
N HIS A 194 7.00 24.31 -28.36
CA HIS A 194 8.14 24.65 -27.52
C HIS A 194 9.20 23.58 -27.69
N ASN A 195 10.41 23.90 -27.27
CA ASN A 195 11.53 23.02 -27.53
C ASN A 195 12.16 22.41 -26.29
N SER A 196 12.54 23.25 -25.33
CA SER A 196 13.22 22.78 -24.10
C SER A 196 12.24 22.47 -22.96
N TYR A 197 12.40 21.26 -22.39
CA TYR A 197 11.58 20.79 -21.28
C TYR A 197 12.52 20.44 -20.16
N THR A 198 12.28 21.02 -18.98
CA THR A 198 13.24 20.97 -17.91
C THR A 198 12.55 20.71 -16.59
N CYS A 199 13.05 19.67 -15.91
CA CYS A 199 12.72 19.31 -14.54
C CYS A 199 13.82 19.87 -13.62
N GLU A 200 13.47 20.73 -12.66
CA GLU A 200 14.47 21.27 -11.71
C GLU A 200 14.14 20.86 -10.28
N ALA A 201 15.02 20.08 -9.65
CA ALA A 201 14.78 19.63 -8.27
C ALA A 201 15.64 20.39 -7.28
N THR A 202 14.99 20.96 -6.26
CA THR A 202 15.72 21.60 -5.19
C THR A 202 15.45 20.87 -3.88
N HIS A 203 16.55 20.49 -3.25
CA HIS A 203 16.51 19.64 -2.08
C HIS A 203 17.56 20.19 -1.12
N LYS A 204 17.36 20.01 0.18
CA LYS A 204 18.26 20.66 1.14
C LYS A 204 19.72 20.22 1.00
N THR A 205 19.96 19.11 0.32
CA THR A 205 21.31 18.55 0.15
C THR A 205 22.22 19.40 -0.73
N SER A 206 21.64 20.37 -1.43
CA SER A 206 22.45 21.31 -2.19
C SER A 206 21.73 22.63 -2.48
N THR A 207 22.48 23.73 -2.47
CA THR A 207 21.93 25.03 -2.81
C THR A 207 21.75 25.13 -4.32
N SER A 208 22.37 24.19 -5.05
CA SER A 208 22.24 24.10 -6.50
C SER A 208 21.12 23.11 -6.82
N PRO A 209 20.09 23.58 -7.55
CA PRO A 209 19.04 22.68 -8.06
C PRO A 209 19.66 21.66 -9.00
N ILE A 210 19.12 20.46 -9.03
CA ILE A 210 19.51 19.47 -10.01
C ILE A 210 18.61 19.69 -11.20
N VAL A 211 19.22 19.90 -12.36
CA VAL A 211 18.50 20.27 -13.56
C VAL A 211 18.64 19.18 -14.61
N LYS A 212 17.51 18.64 -15.06
CA LYS A 212 17.51 17.68 -16.16
C LYS A 212 16.59 18.18 -17.25
N SER A 213 17.04 18.07 -18.48
CA SER A 213 16.31 18.68 -19.59
C SER A 213 16.43 17.80 -20.81
N PHE A 214 15.48 17.98 -21.72
CA PHE A 214 15.69 17.49 -23.08
C PHE A 214 15.10 18.53 -24.04
N ASN A 215 15.54 18.48 -25.30
CA ASN A 215 15.02 19.36 -26.33
C ASN A 215 14.32 18.55 -27.41
N ARG A 216 13.15 19.02 -27.81
CA ARG A 216 12.34 18.32 -28.79
C ARG A 216 13.08 18.07 -30.09
N ASN A 217 13.93 19.02 -30.50
CA ASN A 217 14.63 18.88 -31.78
C ASN A 217 15.65 17.75 -31.78
N GLU A 218 15.99 17.24 -30.60
CA GLU A 218 17.06 16.27 -30.47
C GLU A 218 16.51 14.86 -30.36
N CYS A 219 15.19 14.71 -30.44
CA CYS A 219 14.57 13.41 -30.14
C CYS A 219 14.73 12.53 -31.36
N GLU B 1 1.81 -25.04 5.14
CA GLU B 1 1.77 -23.58 4.85
C GLU B 1 0.32 -23.08 4.81
N VAL B 2 0.01 -22.13 5.68
CA VAL B 2 -1.32 -21.53 5.69
C VAL B 2 -1.47 -20.52 4.56
N LYS B 3 -2.62 -20.56 3.90
CA LYS B 3 -2.92 -19.64 2.82
C LYS B 3 -4.33 -19.10 2.95
N LEU B 4 -4.48 -17.79 2.84
CA LEU B 4 -5.77 -17.12 2.80
C LEU B 4 -5.75 -16.22 1.59
N VAL B 5 -6.75 -16.34 0.72
CA VAL B 5 -6.77 -15.56 -0.52
C VAL B 5 -8.14 -14.96 -0.78
N GLU B 6 -8.26 -13.64 -0.67
CA GLU B 6 -9.52 -12.96 -0.95
C GLU B 6 -9.73 -12.79 -2.44
N SER B 7 -11.00 -12.79 -2.83
CA SER B 7 -11.40 -12.45 -4.19
C SER B 7 -12.77 -11.78 -4.19
N GLY B 8 -13.12 -11.11 -5.28
CA GLY B 8 -14.46 -10.56 -5.42
C GLY B 8 -14.53 -9.06 -5.44
N GLY B 9 -13.41 -8.43 -5.10
CA GLY B 9 -13.33 -6.99 -5.04
C GLY B 9 -13.43 -6.39 -6.42
N GLY B 10 -13.80 -5.12 -6.50
CA GLY B 10 -13.86 -4.40 -7.75
C GLY B 10 -14.75 -3.18 -7.62
N LEU B 11 -15.26 -2.72 -8.76
CA LEU B 11 -16.09 -1.53 -8.83
C LEU B 11 -17.56 -1.87 -8.73
N VAL B 12 -18.27 -1.13 -7.89
CA VAL B 12 -19.68 -1.32 -7.69
C VAL B 12 -20.34 0.04 -7.45
N GLN B 13 -21.58 0.19 -7.87
CA GLN B 13 -22.25 1.47 -7.69
C GLN B 13 -22.90 1.59 -6.32
N SER B 14 -23.07 2.84 -5.87
CA SER B 14 -23.72 3.12 -4.60
C SER B 14 -25.11 2.48 -4.59
N GLY B 15 -25.46 1.86 -3.47
CA GLY B 15 -26.76 1.24 -3.33
C GLY B 15 -26.70 -0.23 -3.70
N GLY B 16 -25.60 -0.61 -4.35
CA GLY B 16 -25.49 -1.96 -4.88
C GLY B 16 -24.90 -2.92 -3.86
N SER B 17 -24.68 -4.16 -4.29
CA SER B 17 -24.26 -5.23 -3.40
C SER B 17 -23.05 -5.90 -4.01
N LEU B 18 -22.27 -6.58 -3.17
CA LEU B 18 -21.11 -7.29 -3.62
C LEU B 18 -20.80 -8.36 -2.58
N ARG B 19 -20.34 -9.51 -3.03
CA ARG B 19 -19.95 -10.58 -2.13
C ARG B 19 -18.49 -10.95 -2.35
N LEU B 20 -17.73 -10.97 -1.27
CA LEU B 20 -16.33 -11.33 -1.30
C LEU B 20 -16.16 -12.76 -0.84
N SER B 21 -15.12 -13.41 -1.33
CA SER B 21 -14.77 -14.76 -0.87
C SER B 21 -13.35 -14.75 -0.32
N CYS B 22 -13.08 -15.73 0.54
CA CYS B 22 -11.77 -15.91 1.12
C CYS B 22 -11.47 -17.40 1.14
N ALA B 23 -10.59 -17.85 0.24
CA ALA B 23 -10.28 -19.27 0.15
C ALA B 23 -9.12 -19.58 1.10
N THR B 24 -9.24 -20.66 1.87
CA THR B 24 -8.21 -20.97 2.84
C THR B 24 -7.70 -22.40 2.69
N SER B 25 -6.49 -22.62 3.20
CA SER B 25 -5.88 -23.95 3.25
C SER B 25 -4.73 -23.96 4.27
N GLY B 26 -4.31 -25.15 4.69
CA GLY B 26 -3.13 -25.27 5.51
C GLY B 26 -3.44 -25.39 7.00
N PHE B 27 -4.73 -25.38 7.32
CA PHE B 27 -5.17 -25.55 8.71
C PHE B 27 -6.57 -26.10 8.77
N THR B 28 -6.94 -26.58 9.94
CA THR B 28 -8.24 -27.19 10.12
C THR B 28 -9.31 -26.09 10.25
N PHE B 29 -9.92 -25.76 9.11
CA PHE B 29 -10.85 -24.62 8.99
C PHE B 29 -11.91 -24.58 10.07
N THR B 30 -12.57 -25.71 10.34
CA THR B 30 -13.75 -25.68 11.20
C THR B 30 -13.39 -25.40 12.65
N ASP B 31 -12.10 -25.53 13.01
CA ASP B 31 -11.64 -25.29 14.37
C ASP B 31 -11.56 -23.79 14.66
N TYR B 32 -11.62 -22.96 13.61
CA TYR B 32 -11.30 -21.55 13.75
C TYR B 32 -12.47 -20.60 13.48
N TYR B 33 -12.58 -19.57 14.33
CA TYR B 33 -13.36 -18.39 14.01
C TYR B 33 -12.64 -17.74 12.83
N MET B 34 -13.36 -16.96 12.02
CA MET B 34 -12.76 -16.17 10.95
C MET B 34 -13.33 -14.78 10.99
N SER B 35 -12.47 -13.77 10.83
CA SER B 35 -12.88 -12.38 10.84
C SER B 35 -12.72 -11.73 9.48
N TRP B 36 -13.46 -10.67 9.25
CA TRP B 36 -13.22 -9.74 8.14
C TRP B 36 -12.82 -8.38 8.73
N VAL B 37 -11.86 -7.75 8.09
CA VAL B 37 -11.35 -6.44 8.49
C VAL B 37 -11.21 -5.61 7.23
N ARG B 38 -11.51 -4.31 7.29
CA ARG B 38 -11.29 -3.48 6.11
C ARG B 38 -10.40 -2.29 6.43
N GLN B 39 -9.88 -1.69 5.37
CA GLN B 39 -9.00 -0.54 5.47
C GLN B 39 -9.19 0.41 4.31
N PRO B 40 -9.83 1.55 4.56
CA PRO B 40 -9.87 2.57 3.50
C PRO B 40 -8.45 3.03 3.16
N PRO B 41 -8.23 3.44 1.91
CA PRO B 41 -6.89 3.91 1.52
C PRO B 41 -6.35 4.97 2.48
N GLY B 42 -5.16 4.72 3.02
CA GLY B 42 -4.49 5.68 3.89
C GLY B 42 -5.03 5.77 5.31
N LYS B 43 -5.95 4.89 5.66
CA LYS B 43 -6.62 4.97 6.95
C LYS B 43 -6.43 3.69 7.78
N ALA B 44 -7.03 3.67 8.96
CA ALA B 44 -6.83 2.56 9.91
C ALA B 44 -7.64 1.32 9.57
N LEU B 45 -7.18 0.18 10.08
CA LEU B 45 -7.94 -1.06 10.06
C LEU B 45 -9.25 -0.93 10.83
N GLU B 46 -10.31 -1.55 10.32
CA GLU B 46 -11.59 -1.62 11.01
C GLU B 46 -12.10 -3.05 11.01
N TRP B 47 -12.27 -3.62 12.20
CA TRP B 47 -12.85 -4.95 12.32
C TRP B 47 -14.34 -4.89 12.00
N LEU B 48 -14.83 -5.83 11.20
CA LEU B 48 -16.20 -5.80 10.70
C LEU B 48 -17.11 -6.87 11.33
N GLY B 49 -16.55 -8.04 11.61
CA GLY B 49 -17.36 -9.13 12.11
C GLY B 49 -16.62 -10.44 12.09
N PHE B 50 -17.19 -11.43 12.77
CA PHE B 50 -16.63 -12.78 12.69
C PHE B 50 -17.71 -13.84 12.57
N ILE B 51 -17.28 -15.02 12.17
CA ILE B 51 -18.10 -16.19 12.27
C ILE B 51 -17.33 -17.21 13.13
N ARG B 52 -18.02 -17.78 14.10
CA ARG B 52 -17.37 -18.66 15.07
C ARG B 52 -17.09 -20.04 14.50
N ASN B 53 -16.39 -20.87 15.27
CA ASN B 53 -16.04 -22.21 14.84
C ASN B 53 -17.19 -23.20 15.05
N LYS B 54 -16.92 -24.45 14.74
CA LYS B 54 -17.91 -25.52 14.85
C LYS B 54 -18.39 -25.71 16.28
N ALA B 55 -17.46 -25.68 17.22
CA ALA B 55 -17.81 -25.83 18.62
C ALA B 55 -18.80 -24.77 19.09
N ASN B 56 -18.85 -23.64 18.40
CA ASN B 56 -19.74 -22.55 18.76
C ASN B 56 -20.90 -22.38 17.78
N GLY B 57 -21.12 -23.38 16.93
CA GLY B 57 -22.30 -23.40 16.08
C GLY B 57 -22.18 -22.46 14.90
N TYR B 58 -20.97 -22.00 14.62
CA TYR B 58 -20.74 -21.15 13.47
C TYR B 58 -21.59 -19.88 13.51
N THR B 59 -21.80 -19.35 14.70
CA THR B 59 -22.59 -18.13 14.88
C THR B 59 -21.80 -16.86 14.49
N THR B 60 -22.53 -15.79 14.16
CA THR B 60 -21.93 -14.55 13.69
C THR B 60 -22.09 -13.37 14.66
N GLU B 61 -21.16 -12.43 14.55
CA GLU B 61 -21.23 -11.16 15.27
C GLU B 61 -20.66 -10.09 14.35
N TYR B 62 -21.11 -8.85 14.55
CA TYR B 62 -20.77 -7.75 13.66
C TYR B 62 -20.50 -6.49 14.45
N SER B 63 -19.66 -5.62 13.86
CA SER B 63 -19.50 -4.29 14.37
C SER B 63 -20.79 -3.53 14.10
N PRO B 64 -21.18 -2.62 15.02
CA PRO B 64 -22.35 -1.77 14.78
C PRO B 64 -22.26 -1.01 13.46
N SER B 65 -21.04 -0.76 12.98
CA SER B 65 -20.87 -0.01 11.74
C SER B 65 -21.47 -0.73 10.52
N VAL B 66 -21.60 -2.05 10.58
CA VAL B 66 -22.12 -2.79 9.43
C VAL B 66 -23.20 -3.81 9.76
N LYS B 67 -23.51 -3.97 11.03
CA LYS B 67 -24.57 -4.91 11.40
C LYS B 67 -25.89 -4.51 10.72
N GLY B 68 -26.57 -5.48 10.14
CA GLY B 68 -27.82 -5.23 9.44
C GLY B 68 -27.61 -5.13 7.95
N ARG B 69 -26.38 -4.87 7.56
CA ARG B 69 -26.06 -4.58 6.17
C ARG B 69 -25.07 -5.60 5.57
N PHE B 70 -24.15 -6.08 6.39
CA PHE B 70 -23.20 -7.10 5.96
C PHE B 70 -23.52 -8.45 6.60
N THR B 71 -23.28 -9.52 5.86
CA THR B 71 -23.49 -10.88 6.35
C THR B 71 -22.27 -11.76 6.11
N ILE B 72 -21.84 -12.50 7.13
CA ILE B 72 -20.74 -13.43 6.98
C ILE B 72 -21.25 -14.86 6.91
N SER B 73 -20.65 -15.67 6.06
CA SER B 73 -21.00 -17.08 5.99
C SER B 73 -19.76 -17.88 5.66
N ARG B 74 -19.84 -19.20 5.76
CA ARG B 74 -18.71 -20.05 5.48
C ARG B 74 -19.14 -21.39 4.88
N ASP B 75 -18.31 -21.92 3.99
CA ASP B 75 -18.50 -23.25 3.41
C ASP B 75 -17.45 -24.14 4.06
N ASN B 76 -17.87 -25.03 4.94
CA ASN B 76 -16.95 -25.87 5.71
C ASN B 76 -16.51 -27.15 5.00
N SER B 77 -17.05 -27.38 3.81
CA SER B 77 -16.62 -28.50 2.98
C SER B 77 -15.40 -28.11 2.14
N GLN B 78 -15.37 -26.85 1.72
CA GLN B 78 -14.29 -26.35 0.89
C GLN B 78 -13.40 -25.33 1.59
N SER B 79 -13.74 -25.00 2.83
CA SER B 79 -12.93 -24.09 3.64
C SER B 79 -12.87 -22.68 3.03
N ILE B 80 -14.02 -22.17 2.62
CA ILE B 80 -14.13 -20.82 2.08
C ILE B 80 -14.97 -19.92 2.98
N LEU B 81 -14.49 -18.71 3.21
CA LEU B 81 -15.21 -17.72 4.02
C LEU B 81 -15.81 -16.65 3.08
N TYR B 82 -17.01 -16.17 3.40
CA TYR B 82 -17.70 -15.19 2.56
C TYR B 82 -18.12 -13.94 3.34
N LEU B 83 -18.17 -12.81 2.63
CA LEU B 83 -18.71 -11.58 3.16
C LEU B 83 -19.67 -10.99 2.15
N GLN B 84 -20.95 -10.99 2.50
CA GLN B 84 -21.99 -10.36 1.69
C GLN B 84 -22.20 -8.92 2.13
N MET B 85 -22.05 -7.98 1.20
CA MET B 85 -22.20 -6.56 1.49
C MET B 85 -23.35 -5.97 0.72
N ASN B 86 -24.26 -5.29 1.41
CA ASN B 86 -25.44 -4.70 0.77
C ASN B 86 -25.50 -3.19 0.96
N THR B 87 -26.31 -2.53 0.13
CA THR B 87 -26.51 -1.09 0.24
C THR B 87 -25.19 -0.36 0.43
N LEU B 88 -24.26 -0.61 -0.49
CA LEU B 88 -22.92 -0.08 -0.38
C LEU B 88 -22.88 1.42 -0.53
N ARG B 89 -21.93 2.06 0.13
CA ARG B 89 -21.74 3.50 0.01
C ARG B 89 -20.26 3.83 -0.12
N ALA B 90 -19.96 5.07 -0.49
CA ALA B 90 -18.58 5.49 -0.75
C ALA B 90 -17.67 5.14 0.42
N GLU B 91 -18.20 5.25 1.63
CA GLU B 91 -17.44 5.00 2.83
C GLU B 91 -17.04 3.53 2.99
N ASP B 92 -17.66 2.66 2.17
CA ASP B 92 -17.30 1.24 2.16
C ASP B 92 -16.13 0.95 1.21
N SER B 93 -15.68 1.96 0.47
CA SER B 93 -14.52 1.77 -0.38
C SER B 93 -13.30 1.50 0.49
N ALA B 94 -12.66 0.36 0.27
CA ALA B 94 -11.62 -0.11 1.16
C ALA B 94 -11.02 -1.42 0.68
N THR B 95 -9.85 -1.74 1.22
CA THR B 95 -9.28 -3.05 1.06
C THR B 95 -9.89 -3.95 2.14
N TYR B 96 -10.42 -5.09 1.73
CA TYR B 96 -11.08 -6.04 2.62
C TYR B 96 -10.17 -7.26 2.81
N TYR B 97 -9.88 -7.56 4.07
CA TYR B 97 -9.05 -8.69 4.44
C TYR B 97 -9.85 -9.73 5.21
N CYS B 98 -9.60 -10.99 4.93
CA CYS B 98 -10.03 -12.05 5.83
C CYS B 98 -8.83 -12.39 6.72
N ALA B 99 -9.12 -12.77 7.96
CA ALA B 99 -8.07 -13.13 8.90
C ALA B 99 -8.55 -14.34 9.69
N ARG B 100 -7.63 -15.26 9.94
CA ARG B 100 -7.91 -16.36 10.86
C ARG B 100 -7.93 -15.81 12.27
N ASP B 101 -8.93 -16.22 13.02
CA ASP B 101 -9.23 -15.70 14.36
C ASP B 101 -9.12 -16.85 15.38
N HIS B 102 -9.96 -16.80 16.42
CA HIS B 102 -9.88 -17.61 17.64
C HIS B 102 -10.07 -19.12 17.41
N ASP B 103 -9.39 -19.95 18.21
CA ASP B 103 -9.53 -21.40 18.09
C ASP B 103 -10.05 -21.99 19.38
N GLY B 104 -10.51 -21.12 20.27
CA GLY B 104 -10.99 -21.51 21.59
C GLY B 104 -9.94 -21.30 22.66
N TYR B 105 -8.69 -21.09 22.25
CA TYR B 105 -7.60 -20.90 23.20
C TYR B 105 -6.84 -19.60 23.00
N TYR B 106 -6.28 -19.41 21.80
CA TYR B 106 -5.41 -18.27 21.55
C TYR B 106 -6.20 -17.03 21.18
N GLU B 107 -5.75 -15.88 21.69
CA GLU B 107 -6.31 -14.60 21.28
C GLU B 107 -5.35 -13.92 20.32
N ARG B 108 -5.65 -14.05 19.03
CA ARG B 108 -4.78 -13.51 18.01
C ARG B 108 -5.42 -13.77 16.66
N PHE B 109 -5.06 -12.94 15.68
CA PHE B 109 -5.33 -13.23 14.28
C PHE B 109 -4.01 -13.72 13.67
N SER B 110 -3.85 -15.02 13.50
CA SER B 110 -2.55 -15.58 13.12
C SER B 110 -2.11 -15.21 11.70
N TRP B 112 -3.43 -13.40 7.72
CA TRP B 112 -4.27 -12.51 6.95
C TRP B 112 -4.09 -12.81 5.47
N GLY B 113 -5.12 -12.57 4.68
CA GLY B 113 -5.00 -12.64 3.23
C GLY B 113 -4.31 -11.40 2.66
N GLN B 114 -4.19 -11.36 1.33
CA GLN B 114 -3.52 -10.23 0.68
C GLN B 114 -4.47 -9.03 0.52
N GLY B 115 -5.76 -9.28 0.69
CA GLY B 115 -6.76 -8.24 0.62
C GLY B 115 -7.29 -8.05 -0.79
N THR B 116 -8.55 -7.63 -0.88
CA THR B 116 -9.19 -7.34 -2.15
C THR B 116 -9.83 -5.96 -2.06
N LEU B 117 -9.56 -5.12 -3.06
CA LEU B 117 -9.96 -3.73 -3.02
C LEU B 117 -11.36 -3.53 -3.60
N VAL B 118 -12.21 -2.87 -2.83
CA VAL B 118 -13.57 -2.55 -3.25
C VAL B 118 -13.67 -1.03 -3.44
N THR B 119 -14.24 -0.63 -4.59
CA THR B 119 -14.44 0.78 -4.91
C THR B 119 -15.92 0.99 -5.19
N VAL B 120 -16.54 1.90 -4.44
CA VAL B 120 -17.94 2.24 -4.64
C VAL B 120 -17.99 3.60 -5.35
N SER B 121 -18.43 3.59 -6.61
CA SER B 121 -18.39 4.79 -7.43
C SER B 121 -19.33 4.64 -8.61
N ALA B 122 -19.72 5.78 -9.19
CA ALA B 122 -20.59 5.83 -10.36
C ALA B 122 -19.75 5.86 -11.64
N ALA B 123 -18.46 6.11 -11.48
CA ALA B 123 -17.54 6.22 -12.61
C ALA B 123 -17.43 4.91 -13.36
N LYS B 124 -17.13 4.99 -14.66
CA LYS B 124 -17.02 3.80 -15.47
C LYS B 124 -15.64 3.18 -15.35
N THR B 125 -15.54 1.91 -15.74
CA THR B 125 -14.25 1.24 -15.79
C THR B 125 -13.49 1.76 -17.02
N THR B 126 -12.24 2.17 -16.81
CA THR B 126 -11.40 2.71 -17.87
C THR B 126 -10.04 2.02 -17.81
N PRO B 127 -9.65 1.32 -18.88
CA PRO B 127 -8.35 0.65 -18.86
C PRO B 127 -7.21 1.66 -18.98
N PRO B 128 -6.03 1.31 -18.47
CA PRO B 128 -4.91 2.25 -18.53
C PRO B 128 -4.32 2.33 -19.93
N SER B 129 -3.66 3.44 -20.22
CA SER B 129 -2.73 3.51 -21.31
C SER B 129 -1.36 3.30 -20.69
N VAL B 130 -0.50 2.52 -21.34
CA VAL B 130 0.79 2.20 -20.78
C VAL B 130 1.85 2.66 -21.73
N TYR B 131 2.70 3.57 -21.25
CA TYR B 131 3.71 4.19 -22.10
C TYR B 131 5.10 3.94 -21.56
N PRO B 132 6.04 3.66 -22.46
CA PRO B 132 7.42 3.41 -22.05
C PRO B 132 8.15 4.70 -21.70
N LEU B 133 9.03 4.66 -20.72
CA LEU B 133 9.86 5.80 -20.37
C LEU B 133 11.30 5.40 -20.66
N ALA B 134 11.83 5.94 -21.76
CA ALA B 134 13.19 5.65 -22.19
C ALA B 134 13.94 6.97 -22.28
N PRO B 135 15.22 6.97 -21.92
CA PRO B 135 16.06 8.17 -21.98
C PRO B 135 16.13 8.78 -23.38
N SER B 143 26.70 4.41 -16.71
CA SER B 143 26.87 3.94 -15.33
C SER B 143 25.71 3.01 -14.93
N MET B 144 24.72 3.58 -14.25
CA MET B 144 23.45 2.93 -14.01
C MET B 144 22.47 3.74 -14.84
N VAL B 145 21.42 3.09 -15.36
CA VAL B 145 20.44 3.77 -16.19
C VAL B 145 19.05 3.49 -15.63
N THR B 146 18.18 4.49 -15.69
CA THR B 146 16.86 4.37 -15.12
C THR B 146 15.84 4.41 -16.24
N LEU B 147 14.94 3.44 -16.24
CA LEU B 147 13.87 3.34 -17.22
C LEU B 147 12.54 3.37 -16.47
N GLY B 148 11.43 3.41 -17.18
CA GLY B 148 10.14 3.37 -16.49
C GLY B 148 8.95 3.05 -17.38
N CYS B 149 7.78 3.00 -16.74
CA CYS B 149 6.50 2.88 -17.44
C CYS B 149 5.53 3.83 -16.77
N LEU B 150 4.77 4.52 -17.61
CA LEU B 150 3.72 5.43 -17.20
C LEU B 150 2.40 4.73 -17.44
N VAL B 151 1.63 4.53 -16.38
CA VAL B 151 0.36 3.82 -16.47
C VAL B 151 -0.76 4.83 -16.22
N LYS B 152 -1.35 5.32 -17.31
CA LYS B 152 -2.11 6.56 -17.25
C LYS B 152 -3.59 6.41 -17.55
N GLY B 153 -4.41 7.08 -16.75
CA GLY B 153 -5.81 7.28 -17.08
C GLY B 153 -6.73 6.09 -16.88
N TYR B 154 -6.59 5.37 -15.75
CA TYR B 154 -7.40 4.20 -15.50
C TYR B 154 -8.35 4.36 -14.31
N PHE B 155 -9.36 3.51 -14.25
CA PHE B 155 -10.29 3.47 -13.13
C PHE B 155 -11.03 2.15 -13.14
N PRO B 156 -11.26 1.54 -11.95
CA PRO B 156 -10.80 1.93 -10.62
C PRO B 156 -9.39 1.41 -10.36
N GLU B 157 -8.86 1.65 -9.15
CA GLU B 157 -7.71 0.93 -8.67
C GLU B 157 -8.08 -0.54 -8.48
N PRO B 158 -7.09 -1.44 -8.42
CA PRO B 158 -5.64 -1.22 -8.50
C PRO B 158 -5.10 -1.57 -9.87
N VAL B 159 -3.81 -1.31 -10.07
CA VAL B 159 -3.06 -1.96 -11.12
C VAL B 159 -1.87 -2.64 -10.47
N THR B 160 -1.30 -3.63 -11.15
CA THR B 160 -0.05 -4.21 -10.73
C THR B 160 1.00 -3.96 -11.79
N VAL B 161 2.22 -3.69 -11.33
CA VAL B 161 3.35 -3.52 -12.22
C VAL B 161 4.49 -4.41 -11.78
N THR B 162 5.00 -5.21 -12.71
CA THR B 162 6.23 -5.93 -12.50
C THR B 162 7.21 -5.59 -13.62
N TRP B 163 8.47 -5.97 -13.44
CA TRP B 163 9.50 -5.80 -14.45
C TRP B 163 10.15 -7.13 -14.78
N ASN B 164 10.21 -7.44 -16.07
CA ASN B 164 10.67 -8.75 -16.54
C ASN B 164 10.03 -9.87 -15.71
N SER B 165 8.71 -9.82 -15.65
CA SER B 165 7.87 -10.86 -15.04
C SER B 165 8.29 -11.20 -13.60
N GLY B 166 8.86 -10.23 -12.88
CA GLY B 166 9.20 -10.45 -11.49
C GLY B 166 10.68 -10.58 -11.24
N SER B 167 11.45 -10.85 -12.29
CA SER B 167 12.89 -11.07 -12.14
C SER B 167 13.69 -9.79 -11.79
N LEU B 168 13.20 -8.61 -12.21
CA LEU B 168 13.72 -7.37 -11.65
C LEU B 168 12.80 -6.85 -10.56
N SER B 169 13.29 -6.81 -9.32
CA SER B 169 12.53 -6.22 -8.22
C SER B 169 13.40 -5.23 -7.46
N SER B 170 14.70 -5.50 -7.40
CA SER B 170 15.61 -4.56 -6.77
C SER B 170 15.76 -3.37 -7.71
N GLY B 171 15.85 -2.17 -7.16
CA GLY B 171 15.98 -1.01 -8.00
C GLY B 171 14.67 -0.60 -8.63
N VAL B 172 13.56 -1.18 -8.17
CA VAL B 172 12.23 -0.81 -8.66
C VAL B 172 11.54 0.13 -7.66
N HIS B 173 11.02 1.25 -8.17
CA HIS B 173 10.15 2.13 -7.40
C HIS B 173 8.83 2.27 -8.13
N THR B 174 7.74 1.83 -7.50
CA THR B 174 6.44 2.03 -8.09
C THR B 174 5.72 3.12 -7.30
N PHE B 175 5.39 4.21 -7.97
CA PHE B 175 4.81 5.39 -7.35
C PHE B 175 3.30 5.23 -7.15
N PRO B 176 2.83 5.53 -5.94
CA PRO B 176 1.39 5.36 -5.69
C PRO B 176 0.53 6.14 -6.67
N ALA B 177 -0.60 5.56 -7.05
CA ALA B 177 -1.49 6.21 -7.98
C ALA B 177 -2.07 7.47 -7.35
N VAL B 178 -2.32 8.46 -8.19
CA VAL B 178 -2.97 9.69 -7.79
C VAL B 178 -4.13 9.95 -8.73
N LEU B 179 -5.24 10.37 -8.14
CA LEU B 179 -6.48 10.60 -8.84
C LEU B 179 -6.54 12.05 -9.28
N GLN B 180 -6.68 12.26 -10.58
CA GLN B 180 -6.87 13.60 -11.15
C GLN B 180 -7.95 13.51 -12.22
N SER B 181 -8.97 14.35 -12.10
CA SER B 181 -10.05 14.38 -13.10
C SER B 181 -10.66 12.98 -13.27
N ASP B 182 -10.98 12.35 -12.14
CA ASP B 182 -11.69 11.07 -12.07
C ASP B 182 -10.95 9.87 -12.69
N LEU B 183 -9.66 10.02 -12.95
CA LEU B 183 -8.83 8.90 -13.41
C LEU B 183 -7.53 8.85 -12.64
N TYR B 184 -7.05 7.63 -12.43
CA TYR B 184 -5.78 7.39 -11.77
C TYR B 184 -4.63 7.32 -12.77
N THR B 185 -3.48 7.80 -12.33
CA THR B 185 -2.23 7.62 -13.06
C THR B 185 -1.16 7.19 -12.09
N LEU B 186 -0.37 6.20 -12.46
CA LEU B 186 0.79 5.84 -11.70
C LEU B 186 2.00 5.66 -12.62
N SER B 187 3.19 5.63 -12.02
CA SER B 187 4.40 5.35 -12.78
C SER B 187 5.27 4.39 -11.97
N SER B 188 6.19 3.73 -12.67
CA SER B 188 7.13 2.83 -12.03
C SER B 188 8.50 3.05 -12.68
N SER B 189 9.55 3.12 -11.87
CA SER B 189 10.91 3.25 -12.40
C SER B 189 11.70 1.99 -12.07
N VAL B 190 12.62 1.64 -12.95
CA VAL B 190 13.54 0.54 -12.69
C VAL B 190 14.93 1.02 -13.05
N THR B 191 15.91 0.71 -12.22
CA THR B 191 17.26 1.14 -12.46
C THR B 191 18.19 -0.06 -12.55
N VAL B 192 18.90 -0.16 -13.68
CA VAL B 192 19.77 -1.28 -13.99
C VAL B 192 21.10 -0.78 -14.53
N PRO B 193 22.11 -1.68 -14.61
CA PRO B 193 23.41 -1.27 -15.18
C PRO B 193 23.30 -0.96 -16.67
N SER B 194 24.01 0.08 -17.11
CA SER B 194 23.96 0.52 -18.50
C SER B 194 24.52 -0.55 -19.43
N SER B 195 25.32 -1.46 -18.87
CA SER B 195 25.93 -2.53 -19.65
C SER B 195 24.87 -3.56 -20.04
N THR B 196 23.72 -3.53 -19.37
CA THR B 196 22.71 -4.55 -19.56
C THR B 196 21.53 -4.08 -20.41
N TRP B 197 21.38 -2.78 -20.57
CA TRP B 197 20.33 -2.25 -21.42
C TRP B 197 20.97 -1.18 -22.31
N PRO B 198 20.62 -1.18 -23.61
CA PRO B 198 19.63 -2.03 -24.30
C PRO B 198 20.12 -3.43 -24.73
N SER B 199 21.28 -3.88 -24.25
CA SER B 199 21.83 -5.19 -24.64
C SER B 199 20.82 -6.29 -24.36
N GLU B 200 20.23 -6.21 -23.17
CA GLU B 200 19.26 -7.18 -22.69
C GLU B 200 17.91 -6.49 -22.67
N THR B 201 16.84 -7.27 -22.69
CA THR B 201 15.51 -6.70 -22.72
C THR B 201 15.06 -6.27 -21.33
N VAL B 202 14.31 -5.17 -21.30
CA VAL B 202 13.63 -4.72 -20.11
C VAL B 202 12.20 -4.42 -20.51
N THR B 203 11.25 -5.04 -19.80
CA THR B 203 9.84 -4.98 -20.12
C THR B 203 9.03 -4.79 -18.83
N CYS B 204 8.11 -3.83 -18.83
CA CYS B 204 7.21 -3.68 -17.69
C CYS B 204 5.93 -4.47 -18.03
N ASN B 205 5.44 -5.21 -17.03
CA ASN B 205 4.22 -6.00 -17.16
C ASN B 205 3.14 -5.34 -16.31
N VAL B 206 2.06 -4.90 -16.95
CA VAL B 206 1.04 -4.14 -16.25
C VAL B 206 -0.29 -4.87 -16.35
N ALA B 207 -0.98 -4.98 -15.22
CA ALA B 207 -2.32 -5.54 -15.22
C ALA B 207 -3.34 -4.61 -14.56
N HIS B 208 -4.54 -4.55 -15.12
CA HIS B 208 -5.65 -3.81 -14.53
C HIS B 208 -6.84 -4.75 -14.44
N PRO B 209 -7.00 -5.41 -13.28
CA PRO B 209 -8.02 -6.45 -13.16
C PRO B 209 -9.44 -6.02 -13.53
N ALA B 210 -9.81 -4.77 -13.25
CA ALA B 210 -11.19 -4.32 -13.50
C ALA B 210 -11.55 -4.41 -14.97
N SER B 211 -10.55 -4.23 -15.82
CA SER B 211 -10.76 -4.29 -17.27
C SER B 211 -10.07 -5.50 -17.88
N SER B 212 -9.60 -6.39 -17.02
CA SER B 212 -8.88 -7.60 -17.45
C SER B 212 -7.75 -7.24 -18.40
N THR B 213 -7.17 -6.07 -18.20
CA THR B 213 -6.08 -5.61 -19.05
C THR B 213 -4.77 -6.28 -18.67
N LYS B 214 -4.07 -6.81 -19.68
CA LYS B 214 -2.72 -7.32 -19.51
C LYS B 214 -1.84 -6.73 -20.61
N VAL B 215 -0.77 -6.07 -20.19
CA VAL B 215 0.12 -5.33 -21.09
C VAL B 215 1.56 -5.66 -20.77
N ASP B 216 2.32 -6.00 -21.80
CA ASP B 216 3.76 -6.10 -21.68
C ASP B 216 4.35 -5.02 -22.59
N LYS B 217 5.14 -4.13 -22.01
CA LYS B 217 5.67 -3.02 -22.76
C LYS B 217 7.20 -3.02 -22.70
N LYS B 218 7.81 -3.29 -23.86
N LYS B 218 7.81 -3.31 -23.85
CA LYS B 218 9.26 -3.30 -23.98
CA LYS B 218 9.27 -3.36 -23.93
C LYS B 218 9.78 -1.88 -23.97
C LYS B 218 9.82 -1.94 -24.01
N ILE B 219 10.84 -1.65 -23.21
CA ILE B 219 11.51 -0.37 -23.25
C ILE B 219 12.56 -0.42 -24.36
N VAL B 220 12.31 0.36 -25.41
CA VAL B 220 13.16 0.37 -26.60
C VAL B 220 13.97 1.66 -26.64
N PRO B 221 15.27 1.56 -26.94
CA PRO B 221 16.07 2.80 -27.02
C PRO B 221 15.68 3.69 -28.19
C11 KTU C . -20.62 -15.94 23.82
C10 KTU C . -20.89 -16.17 25.29
C9 KTU C . -19.88 -16.65 26.10
O2 KTU C . -18.59 -16.80 25.50
C2 KTU C . -17.43 -17.23 26.17
C1 KTU C . -17.44 -16.87 27.60
O1A KTU C . -17.87 -15.75 28.00
O1B KTU C . -17.01 -17.72 28.46
C3 KTU C . -16.30 -16.65 25.42
O6 KTU C . -17.35 -18.71 26.06
C6 KTU C . -17.52 -19.13 24.69
C7 KTU C . -17.28 -20.63 24.64
O7 KTU C . -16.96 -21.04 23.35
C8 KTU C . -18.49 -21.37 25.09
O8 KTU C . -19.53 -20.66 25.73
C5 KTU C . -16.63 -18.42 23.75
C4 KTU C . -16.45 -16.94 23.99
O4 KTU C . -15.31 -16.51 23.21
C1 KDO C . -16.78 -15.15 21.85
O1A KDO C . -17.57 -14.14 21.94
O1B KDO C . -17.08 -16.09 21.07
C2 KDO C . -15.53 -15.21 22.60
C3 KDO C . -14.40 -14.94 21.63
C4 KDO C . -13.12 -14.76 22.32
O4 KDO C . -12.09 -14.46 21.35
C5 KDO C . -13.19 -13.69 23.34
O5 KDO C . -13.53 -12.47 22.72
C6 KDO C . -14.30 -14.03 24.33
O6 KDO C . -15.56 -14.21 23.67
C7 KDO C . -14.53 -12.91 25.29
O7 KDO C . -13.33 -12.41 25.80
C8 KDO C . -15.32 -13.46 26.45
O8 KDO C . -14.65 -14.36 27.29
ZN ZN D . 3.03 27.58 -25.26
ZN ZN E . 15.71 3.04 -4.50
#